data_4Z5D
#
_entry.id   4Z5D
#
_cell.length_a   108.604
_cell.length_b   108.604
_cell.length_c   59.189
_cell.angle_alpha   90.000
_cell.angle_beta   90.000
_cell.angle_gamma   120.000
#
_symmetry.space_group_name_H-M   'P 31 2 1'
#
loop_
_entity.id
_entity.type
_entity.pdbx_description
1 polymer 'Antitoxin HipB'
2 polymer "DNA (5'-D(*TP*TP*TP*AP*TP*CP*CP*GP*CP*GP*AP*TP*CP*GP*CP*GP*GP*AP*TP*AP*A)-3')"
3 polymer "DNA (5'-D(*TP*TP*TP*AP*TP*CP*CP*GP*CP*GP*AP*TP*CP*GP*CP*GP*GP*AP*TP*A)-3')"
4 water water
#
loop_
_entity_poly.entity_id
_entity_poly.type
_entity_poly.pdbx_seq_one_letter_code
_entity_poly.pdbx_strand_id
1 'polypeptide(L)' FQKIYSPTQLANAMKLVRQQNGWTQSELAKKIGIKQATISNFENNPDNTTLTTFFKILQSLELSMTLCDAK A,B
2 'polydeoxyribonucleotide'
;(DT)(DT)(DT)(DA)(DT)(DC)(DC)(DG)(DC)(DG)(DA)(DT)(DC)(DG)(DC)(DG)(DG)(DA)(DT)(DA)
(DA)
;
C
3 'polydeoxyribonucleotide' (DT)(DT)(DT)(DA)(DT)(DC)(DC)(DG)(DC)(DG)(DA)(DT)(DC)(DG)(DC)(DG)(DG)(DA)(DT)(DA) D
#
loop_
_chem_comp.id
_chem_comp.type
_chem_comp.name
_chem_comp.formula
DA DNA linking 2'-DEOXYADENOSINE-5'-MONOPHOSPHATE 'C10 H14 N5 O6 P'
DC DNA linking 2'-DEOXYCYTIDINE-5'-MONOPHOSPHATE 'C9 H14 N3 O7 P'
DG DNA linking 2'-DEOXYGUANOSINE-5'-MONOPHOSPHATE 'C10 H14 N5 O7 P'
DT DNA linking THYMIDINE-5'-MONOPHOSPHATE 'C10 H15 N2 O8 P'
#
# COMPACT_ATOMS: atom_id res chain seq x y z
N PHE A 1 -0.48 -15.54 -3.76
CA PHE A 1 -0.75 -14.16 -4.15
C PHE A 1 -2.24 -13.94 -4.47
N GLN A 2 -2.93 -13.38 -3.49
CA GLN A 2 -4.35 -13.22 -3.50
C GLN A 2 -4.64 -11.72 -3.49
N LYS A 3 -5.85 -11.35 -3.86
CA LYS A 3 -6.24 -9.97 -3.76
C LYS A 3 -6.27 -9.56 -2.30
N ILE A 4 -5.74 -8.39 -2.04
CA ILE A 4 -5.64 -7.85 -0.70
C ILE A 4 -6.49 -6.61 -0.50
N TYR A 5 -7.29 -6.64 0.55
CA TYR A 5 -8.28 -5.62 0.76
C TYR A 5 -8.11 -4.74 1.99
N SER A 6 -7.15 -5.07 2.84
CA SER A 6 -6.95 -4.31 4.06
C SER A 6 -5.51 -4.28 4.59
N PRO A 7 -5.21 -3.35 5.48
CA PRO A 7 -3.84 -3.27 6.00
C PRO A 7 -3.44 -4.55 6.74
N THR A 8 -4.36 -5.12 7.52
CA THR A 8 -4.11 -6.32 8.30
C THR A 8 -3.81 -7.48 7.39
N GLN A 9 -4.62 -7.62 6.37
CA GLN A 9 -4.44 -8.66 5.39
C GLN A 9 -3.10 -8.48 4.67
N LEU A 10 -2.74 -7.26 4.35
CA LEU A 10 -1.46 -6.99 3.72
C LEU A 10 -0.28 -7.32 4.64
N ALA A 11 -0.40 -6.92 5.89
CA ALA A 11 0.64 -7.16 6.86
C ALA A 11 0.83 -8.65 7.12
N ASN A 12 -0.27 -9.38 7.23
CA ASN A 12 -0.22 -10.82 7.43
C ASN A 12 0.44 -11.50 6.24
N ALA A 13 0.14 -11.03 5.04
CA ALA A 13 0.69 -11.63 3.83
C ALA A 13 2.20 -11.40 3.75
N MET A 14 2.64 -10.23 4.18
CA MET A 14 4.06 -9.90 4.09
C MET A 14 4.85 -10.54 5.22
N LYS A 15 4.24 -10.61 6.40
CA LYS A 15 4.86 -11.34 7.51
C LYS A 15 5.11 -12.79 7.11
N LEU A 16 4.12 -13.41 6.45
CA LEU A 16 4.23 -14.79 5.99
C LEU A 16 5.39 -14.98 5.01
N VAL A 17 5.56 -14.04 4.09
CA VAL A 17 6.70 -14.10 3.18
C VAL A 17 8.02 -13.99 3.95
N ARG A 18 8.08 -13.11 4.94
CA ARG A 18 9.28 -12.99 5.75
C ARG A 18 9.63 -14.33 6.42
N GLN A 19 8.65 -14.93 7.07
CA GLN A 19 8.84 -16.19 7.77
C GLN A 19 9.16 -17.36 6.84
N GLN A 20 8.47 -17.42 5.70
CA GLN A 20 8.71 -18.47 4.73
C GLN A 20 10.14 -18.45 4.21
N ASN A 21 10.75 -17.27 4.21
CA ASN A 21 12.13 -17.16 3.76
C ASN A 21 13.15 -17.25 4.91
N GLY A 22 12.65 -17.40 6.13
CA GLY A 22 13.51 -17.48 7.30
C GLY A 22 14.18 -16.17 7.68
N TRP A 23 13.58 -15.06 7.28
CA TRP A 23 14.16 -13.75 7.58
C TRP A 23 13.68 -13.16 8.91
N THR A 24 14.58 -12.48 9.61
CA THR A 24 14.23 -11.84 10.87
C THR A 24 13.84 -10.38 10.62
N GLN A 25 13.12 -9.77 11.56
CA GLN A 25 12.77 -8.36 11.44
C GLN A 25 14.03 -7.52 11.43
N SER A 26 14.97 -7.88 12.29
CA SER A 26 16.26 -7.19 12.36
C SER A 26 17.00 -7.20 11.04
N GLU A 27 17.09 -8.36 10.38
CA GLU A 27 17.87 -8.37 9.15
C GLU A 27 17.19 -7.60 8.00
N LEU A 28 15.86 -7.58 7.97
CA LEU A 28 15.14 -6.77 6.99
C LEU A 28 15.35 -5.28 7.26
N ALA A 29 15.24 -4.92 8.54
CA ALA A 29 15.38 -3.53 8.95
C ALA A 29 16.79 -3.04 8.60
N LYS A 30 17.78 -3.87 8.87
CA LYS A 30 19.16 -3.51 8.60
C LYS A 30 19.36 -3.39 7.09
N LYS A 31 18.69 -4.27 6.34
CA LYS A 31 18.89 -4.29 4.89
C LYS A 31 18.46 -2.99 4.21
N ILE A 32 17.29 -2.47 4.57
CA ILE A 32 16.80 -1.22 3.97
C ILE A 32 16.96 0.00 4.88
N GLY A 33 17.54 -0.20 6.05
CA GLY A 33 17.84 0.92 6.93
C GLY A 33 16.66 1.58 7.64
N ILE A 34 15.79 0.78 8.25
CA ILE A 34 14.76 1.32 9.16
C ILE A 34 14.81 0.59 10.50
N LYS A 35 14.00 1.01 11.46
CA LYS A 35 14.01 0.38 12.78
C LYS A 35 13.38 -1.00 12.74
N GLN A 36 13.91 -1.93 13.51
CA GLN A 36 13.28 -3.21 13.77
C GLN A 36 11.90 -3.00 14.42
N ALA A 37 11.81 -2.01 15.29
CA ALA A 37 10.55 -1.65 15.90
C ALA A 37 9.50 -1.23 14.85
N THR A 38 9.94 -0.56 13.78
CA THR A 38 9.04 -0.19 12.70
C THR A 38 8.40 -1.37 11.95
N ILE A 39 9.20 -2.37 11.64
CA ILE A 39 8.70 -3.58 11.04
C ILE A 39 7.72 -4.29 11.98
N SER A 40 8.05 -4.31 13.27
CA SER A 40 7.17 -4.91 14.26
C SER A 40 5.81 -4.20 14.35
N ASN A 41 5.83 -2.88 14.39
CA ASN A 41 4.58 -2.13 14.39
C ASN A 41 3.77 -2.42 13.13
N PHE A 42 4.43 -2.51 11.98
CA PHE A 42 3.72 -2.79 10.73
C PHE A 42 3.06 -4.16 10.75
N GLU A 43 3.80 -5.17 11.16
CA GLU A 43 3.27 -6.52 11.16
C GLU A 43 2.07 -6.65 12.08
N ASN A 44 2.12 -6.01 13.23
CA ASN A 44 1.06 -6.09 14.21
C ASN A 44 -0.02 -5.02 14.14
N ASN A 45 0.37 -3.80 13.82
CA ASN A 45 -0.55 -2.69 13.75
C ASN A 45 -0.43 -1.85 12.47
N PRO A 46 -0.74 -2.42 11.34
CA PRO A 46 -0.47 -1.78 10.06
C PRO A 46 -1.34 -0.57 9.66
N ASP A 47 -2.42 -0.29 10.39
CA ASP A 47 -3.43 0.63 9.92
C ASP A 47 -2.94 2.04 9.63
N ASN A 48 -2.13 2.59 10.51
CA ASN A 48 -1.60 3.93 10.35
C ASN A 48 -0.17 3.97 9.79
N THR A 49 0.34 2.82 9.40
CA THR A 49 1.66 2.69 8.80
C THR A 49 1.72 3.51 7.48
N THR A 50 2.82 4.21 7.28
CA THR A 50 3.00 5.00 6.08
C THR A 50 3.22 4.19 4.80
N LEU A 51 2.87 4.78 3.68
CA LEU A 51 3.11 4.18 2.39
C LEU A 51 4.61 3.97 2.17
N THR A 52 5.42 4.92 2.64
CA THR A 52 6.86 4.84 2.51
C THR A 52 7.43 3.59 3.22
N THR A 53 6.96 3.34 4.43
CA THR A 53 7.34 2.16 5.17
C THR A 53 6.90 0.92 4.44
N PHE A 54 5.68 0.89 3.94
CA PHE A 54 5.18 -0.29 3.30
C PHE A 54 6.06 -0.63 2.08
N PHE A 55 6.35 0.37 1.27
CA PHE A 55 7.23 0.19 0.13
C PHE A 55 8.66 -0.22 0.49
N LYS A 56 9.22 0.35 1.55
CA LYS A 56 10.55 -0.05 1.97
C LYS A 56 10.57 -1.54 2.37
N ILE A 57 9.58 -1.96 3.15
CA ILE A 57 9.45 -3.35 3.54
C ILE A 57 9.23 -4.30 2.36
N LEU A 58 8.45 -3.91 1.38
CA LEU A 58 8.27 -4.70 0.18
C LEU A 58 9.62 -4.90 -0.53
N GLN A 59 10.40 -3.84 -0.65
CA GLN A 59 11.69 -3.94 -1.28
C GLN A 59 12.64 -4.86 -0.50
N SER A 60 12.59 -4.76 0.81
CA SER A 60 13.40 -5.59 1.68
C SER A 60 13.07 -7.06 1.46
N LEU A 61 11.83 -7.35 1.15
CA LEU A 61 11.33 -8.69 0.89
C LEU A 61 11.50 -9.15 -0.56
N GLU A 62 12.08 -8.32 -1.41
CA GLU A 62 12.13 -8.57 -2.83
C GLU A 62 10.75 -8.74 -3.45
N LEU A 63 9.84 -7.89 -3.04
CA LEU A 63 8.48 -7.91 -3.49
C LEU A 63 8.13 -6.59 -4.13
N SER A 64 7.14 -6.63 -4.99
CA SER A 64 6.52 -5.48 -5.55
C SER A 64 5.03 -5.71 -5.47
N MET A 65 4.25 -4.74 -5.89
CA MET A 65 2.81 -4.85 -5.96
C MET A 65 2.23 -4.36 -7.29
N THR A 66 1.02 -4.80 -7.55
CA THR A 66 0.27 -4.41 -8.68
C THR A 66 -1.16 -4.14 -8.30
N LEU A 67 -1.76 -3.17 -8.96
CA LEU A 67 -3.17 -2.92 -8.83
C LEU A 67 -3.94 -3.95 -9.66
N CYS A 68 -5.21 -4.18 -9.37
CA CYS A 68 -6.08 -5.05 -10.15
C CYS A 68 -7.54 -4.71 -9.88
N ASP A 69 -8.44 -5.35 -10.64
CA ASP A 69 -9.88 -5.18 -10.42
C ASP A 69 -10.27 -5.75 -9.07
N ALA A 70 -11.16 -5.07 -8.38
CA ALA A 70 -11.60 -5.51 -7.06
C ALA A 70 -12.50 -6.75 -7.11
N LYS A 71 -13.24 -6.91 -8.21
CA LYS A 71 -14.31 -7.91 -8.31
C LYS A 71 -15.34 -7.79 -7.19
N PHE B 1 -2.03 -2.85 -16.22
CA PHE B 1 -1.67 -3.19 -14.85
C PHE B 1 -0.22 -3.68 -14.73
N GLN B 2 0.62 -2.89 -14.07
CA GLN B 2 2.04 -3.19 -13.97
C GLN B 2 2.55 -3.14 -12.53
N LYS B 3 3.83 -3.47 -12.35
CA LYS B 3 4.44 -3.45 -11.02
C LYS B 3 4.64 -2.02 -10.55
N ILE B 4 4.40 -1.78 -9.26
CA ILE B 4 4.49 -0.44 -8.68
C ILE B 4 5.58 -0.45 -7.62
N TYR B 5 6.45 0.56 -7.66
CA TYR B 5 7.65 0.54 -6.82
C TYR B 5 7.77 1.69 -5.81
N SER B 6 6.85 2.64 -5.84
CA SER B 6 6.91 3.72 -4.85
C SER B 6 5.53 4.33 -4.62
N PRO B 7 5.37 5.07 -3.50
CA PRO B 7 4.12 5.77 -3.24
C PRO B 7 3.77 6.74 -4.36
N THR B 8 4.75 7.46 -4.90
CA THR B 8 4.49 8.40 -5.98
C THR B 8 3.92 7.70 -7.20
N GLN B 9 4.57 6.62 -7.61
CA GLN B 9 4.09 5.83 -8.73
C GLN B 9 2.69 5.32 -8.44
N LEU B 10 2.46 4.83 -7.22
CA LEU B 10 1.16 4.30 -6.82
C LEU B 10 0.07 5.35 -6.91
N ALA B 11 0.34 6.53 -6.35
CA ALA B 11 -0.65 7.60 -6.34
C ALA B 11 -0.94 8.08 -7.75
N ASN B 12 0.10 8.20 -8.58
CA ASN B 12 -0.11 8.60 -9.98
C ASN B 12 -0.99 7.61 -10.74
N ALA B 13 -0.75 6.31 -10.54
CA ALA B 13 -1.55 5.31 -11.24
C ALA B 13 -3.01 5.36 -10.80
N MET B 14 -3.25 5.47 -9.50
CA MET B 14 -4.63 5.54 -9.00
C MET B 14 -5.32 6.84 -9.40
N LYS B 15 -4.55 7.92 -9.51
CA LYS B 15 -5.12 9.19 -9.92
C LYS B 15 -5.57 9.07 -11.36
N LEU B 16 -4.75 8.42 -12.17
CA LEU B 16 -5.10 8.20 -13.57
C LEU B 16 -6.37 7.37 -13.69
N VAL B 17 -6.49 6.33 -12.86
CA VAL B 17 -7.71 5.52 -12.86
C VAL B 17 -8.92 6.39 -12.53
N ARG B 18 -8.76 7.27 -11.54
CA ARG B 18 -9.84 8.16 -11.16
C ARG B 18 -10.25 9.07 -12.33
N GLN B 19 -9.28 9.66 -13.00
CA GLN B 19 -9.55 10.57 -14.09
C GLN B 19 -10.16 9.86 -15.30
N GLN B 20 -9.63 8.68 -15.63
CA GLN B 20 -10.15 7.88 -16.74
C GLN B 20 -11.60 7.44 -16.58
N ASN B 21 -12.09 7.45 -15.35
CA ASN B 21 -13.48 7.11 -15.09
C ASN B 21 -14.32 8.36 -14.81
N GLY B 22 -13.70 9.53 -14.95
CA GLY B 22 -14.40 10.78 -14.77
C GLY B 22 -14.93 11.01 -13.37
N TRP B 23 -14.27 10.44 -12.37
CA TRP B 23 -14.69 10.68 -11.00
C TRP B 23 -13.93 11.86 -10.40
N THR B 24 -14.62 12.65 -9.58
CA THR B 24 -13.99 13.73 -8.84
C THR B 24 -13.51 13.22 -7.47
N GLN B 25 -12.54 13.93 -6.90
CA GLN B 25 -12.10 13.64 -5.53
C GLN B 25 -13.28 13.66 -4.56
N SER B 26 -14.13 14.67 -4.69
CA SER B 26 -15.26 14.85 -3.78
C SER B 26 -16.19 13.67 -3.83
N GLU B 27 -16.47 13.16 -5.02
CA GLU B 27 -17.41 12.04 -5.11
C GLU B 27 -16.80 10.75 -4.59
N LEU B 28 -15.50 10.55 -4.80
CA LEU B 28 -14.83 9.39 -4.22
C LEU B 28 -14.85 9.49 -2.70
N ALA B 29 -14.54 10.68 -2.18
CA ALA B 29 -14.48 10.91 -0.74
C ALA B 29 -15.81 10.58 -0.08
N LYS B 30 -16.90 11.08 -0.67
CA LYS B 30 -18.24 10.83 -0.16
C LYS B 30 -18.54 9.34 -0.12
N LYS B 31 -18.15 8.66 -1.20
CA LYS B 31 -18.39 7.23 -1.36
C LYS B 31 -17.77 6.35 -0.25
N ILE B 32 -16.62 6.75 0.28
CA ILE B 32 -15.94 5.93 1.31
C ILE B 32 -15.84 6.64 2.65
N GLY B 33 -16.30 7.88 2.71
CA GLY B 33 -16.43 8.56 3.97
C GLY B 33 -15.15 9.17 4.52
N ILE B 34 -14.30 9.71 3.65
CA ILE B 34 -13.14 10.48 4.09
C ILE B 34 -13.20 11.87 3.47
N LYS B 35 -12.26 12.74 3.84
CA LYS B 35 -12.24 14.10 3.30
C LYS B 35 -11.73 14.15 1.88
N GLN B 36 -12.30 15.07 1.10
CA GLN B 36 -11.75 15.41 -0.21
C GLN B 36 -10.28 15.83 -0.07
N ALA B 37 -9.97 16.57 0.99
CA ALA B 37 -8.60 17.00 1.24
C ALA B 37 -7.65 15.81 1.41
N THR B 38 -8.16 14.73 1.99
CA THR B 38 -7.34 13.54 2.22
C THR B 38 -6.97 12.90 0.89
N ILE B 39 -7.91 12.90 -0.05
CA ILE B 39 -7.62 12.35 -1.37
C ILE B 39 -6.61 13.22 -2.12
N SER B 40 -6.76 14.53 -1.97
CA SER B 40 -5.82 15.48 -2.53
C SER B 40 -4.41 15.29 -1.92
N ASN B 41 -4.29 15.11 -0.61
CA ASN B 41 -2.98 14.84 -0.02
C ASN B 41 -2.37 13.54 -0.57
N PHE B 42 -3.17 12.49 -0.71
CA PHE B 42 -2.68 11.23 -1.21
C PHE B 42 -2.16 11.35 -2.65
N GLU B 43 -2.93 11.99 -3.50
CA GLU B 43 -2.54 12.14 -4.89
C GLU B 43 -1.26 12.97 -5.00
N ASN B 44 -1.15 14.04 -4.24
CA ASN B 44 0.01 14.90 -4.30
C ASN B 44 1.24 14.56 -3.44
N ASN B 45 0.98 14.12 -2.21
CA ASN B 45 2.01 13.79 -1.24
C ASN B 45 1.75 12.43 -0.59
N PRO B 46 1.82 11.37 -1.38
CA PRO B 46 1.44 10.05 -0.90
C PRO B 46 2.40 9.40 0.13
N ASP B 47 3.60 9.92 0.32
CA ASP B 47 4.63 9.21 1.09
C ASP B 47 4.22 8.89 2.54
N ASN B 48 3.65 9.85 3.24
CA ASN B 48 3.20 9.64 4.61
C ASN B 48 1.73 9.20 4.77
N THR B 49 1.04 8.97 3.66
CA THR B 49 -0.34 8.53 3.67
C THR B 49 -0.46 7.19 4.46
N THR B 50 -1.45 7.08 5.31
CA THR B 50 -1.69 5.83 5.99
C THR B 50 -2.17 4.72 5.03
N LEU B 51 -1.86 3.49 5.41
CA LEU B 51 -2.31 2.33 4.69
C LEU B 51 -3.85 2.29 4.67
N THR B 52 -4.48 2.72 5.74
CA THR B 52 -5.93 2.73 5.85
C THR B 52 -6.54 3.64 4.77
N THR B 53 -5.95 4.81 4.58
CA THR B 53 -6.40 5.73 3.55
C THR B 53 -6.23 5.08 2.16
N PHE B 54 -5.10 4.42 1.93
CA PHE B 54 -4.82 3.82 0.64
C PHE B 54 -5.87 2.75 0.31
N PHE B 55 -6.16 1.89 1.27
CA PHE B 55 -7.16 0.87 1.07
C PHE B 55 -8.59 1.40 0.87
N LYS B 56 -8.96 2.44 1.60
CA LYS B 56 -10.25 3.05 1.39
C LYS B 56 -10.38 3.63 -0.03
N ILE B 57 -9.35 4.34 -0.48
CA ILE B 57 -9.29 4.88 -1.84
C ILE B 57 -9.29 3.79 -2.93
N LEU B 58 -8.57 2.71 -2.68
CA LEU B 58 -8.52 1.61 -3.59
C LEU B 58 -9.94 1.04 -3.81
N GLN B 59 -10.69 0.87 -2.73
CA GLN B 59 -12.05 0.39 -2.78
C GLN B 59 -13.00 1.33 -3.55
N SER B 60 -12.80 2.61 -3.38
CA SER B 60 -13.56 3.63 -4.06
C SER B 60 -13.35 3.56 -5.58
N LEU B 61 -12.18 3.11 -6.00
CA LEU B 61 -11.81 3.07 -7.40
C LEU B 61 -12.21 1.73 -8.02
N GLU B 62 -12.88 0.90 -7.24
CA GLU B 62 -13.19 -0.46 -7.64
C GLU B 62 -11.92 -1.28 -7.93
N LEU B 63 -10.90 -1.08 -7.12
CA LEU B 63 -9.64 -1.73 -7.32
C LEU B 63 -9.25 -2.52 -6.10
N SER B 64 -8.35 -3.45 -6.31
CA SER B 64 -7.63 -4.17 -5.30
C SER B 64 -6.16 -4.21 -5.67
N MET B 65 -5.38 -4.89 -4.87
CA MET B 65 -3.99 -5.09 -5.15
C MET B 65 -3.58 -6.51 -4.81
N THR B 66 -2.47 -6.93 -5.40
CA THR B 66 -1.82 -8.17 -5.06
C THR B 66 -0.33 -7.91 -4.98
N LEU B 67 0.34 -8.73 -4.19
CA LEU B 67 1.78 -8.83 -4.18
C LEU B 67 2.34 -9.63 -5.34
N CYS B 68 3.57 -9.33 -5.72
CA CYS B 68 4.30 -10.01 -6.78
C CYS B 68 5.80 -9.95 -6.54
N ASP B 69 6.54 -10.70 -7.33
CA ASP B 69 7.98 -10.66 -7.31
C ASP B 69 8.43 -9.29 -7.76
N ALA B 70 9.37 -8.71 -7.03
CA ALA B 70 10.02 -7.48 -7.46
C ALA B 70 10.77 -7.77 -8.76
N LYS B 71 11.22 -9.01 -8.84
CA LYS B 71 11.89 -9.68 -9.96
C LYS B 71 13.39 -9.77 -9.73
#